data_4RXA
#
_entry.id   4RXA
#
_cell.length_a   110.757
_cell.length_b   110.757
_cell.length_c   77.960
_cell.angle_alpha   90.000
_cell.angle_beta   90.000
_cell.angle_gamma   90.000
#
_symmetry.space_group_name_H-M   'P 41 21 2'
#
loop_
_entity.id
_entity.type
_entity.pdbx_description
1 polymer 'Farnesyl pyrophosphate synthase'
2 non-polymer "N,N'-bis[3-(4,5-dihydro-1H-imidazol-2-yl)phenyl]biphenyl-4,4'-dicarboxamide"
3 non-polymer 'PHOSPHATE ION'
4 water water
#
_entity_poly.entity_id   1
_entity_poly.type   'polypeptide(L)'
_entity_poly.pdbx_seq_one_letter_code
;NSDVYAQEKQDFVQHFSQIVRVLTEDEMGHPEIGDAIARLKEVLEYNAIGGKYNRGLTVVVAFRELVEPRKQDADSLQRA
WTVGWCVELLQAFFLVADDIMDSSLTRRGQICWYQKPGVGLDAINDANLLEACIYRLLKLYCREQPYYLNLIELFLQSSY
QTEIGQTLDLLTAPQGNVDLVRFTEKRYKSIVKYKTAFYSFYLPIAAAMYMAGIDGEKEHANAKKILLEMGEFFQIQDDY
LDLFGDPSVTGKIGTDIQDNKCSWLVVQCLQRATPEQYQILKENYGQKEAEKVARVKALYEELDLPAVFLQYEEDSYSHI
MALIEQYAAPLPPAVFLGLARKIYKRRK
;
_entity_poly.pdbx_strand_id   A
#
loop_
_chem_comp.id
_chem_comp.type
_chem_comp.name
_chem_comp.formula
3F2 non-polymer N,N'-bis[3-(4,5-dihydro-1H-imidazol-2-yl)phenyl]biphenyl-4,4'-dicarboxamide 'C32 H28 N6 O2'
PO4 non-polymer 'PHOSPHATE ION' 'O4 P -3'
#
# COMPACT_ATOMS: atom_id res chain seq x y z
N GLN A 7 13.08 -11.02 12.58
CA GLN A 7 13.65 -10.37 13.79
C GLN A 7 13.65 -8.85 13.65
N GLU A 8 14.08 -8.36 12.49
CA GLU A 8 14.11 -6.93 12.23
C GLU A 8 12.75 -6.30 12.49
N LYS A 9 11.73 -6.83 11.82
CA LYS A 9 10.37 -6.28 11.92
C LYS A 9 10.02 -5.91 13.36
N GLN A 10 10.59 -6.63 14.32
CA GLN A 10 10.32 -6.39 15.73
C GLN A 10 10.99 -5.12 16.24
N ASP A 11 12.22 -4.87 15.79
CA ASP A 11 12.91 -3.64 16.12
C ASP A 11 12.15 -2.45 15.55
N PHE A 12 11.54 -2.67 14.40
CA PHE A 12 10.70 -1.66 13.75
C PHE A 12 9.43 -1.43 14.56
N VAL A 13 8.80 -2.51 15.01
CA VAL A 13 7.57 -2.40 15.79
C VAL A 13 7.85 -1.78 17.17
N GLN A 14 9.06 -2.06 17.71
CA GLN A 14 9.54 -1.47 18.97
C GLN A 14 9.60 0.04 18.95
N HIS A 15 10.02 0.60 17.81
CA HIS A 15 10.24 2.03 17.70
C HIS A 15 8.91 2.84 17.76
N PHE A 16 7.75 2.16 17.73
CA PHE A 16 6.44 2.87 17.68
C PHE A 16 6.17 3.68 18.92
N SER A 17 6.40 3.11 20.12
CA SER A 17 6.08 3.83 21.36
C SER A 17 6.89 5.14 21.47
N GLN A 18 8.07 5.19 20.84
CA GLN A 18 8.81 6.41 20.75
C GLN A 18 8.16 7.32 19.74
N ILE A 19 7.83 6.78 18.57
CA ILE A 19 7.05 7.53 17.55
C ILE A 19 5.85 8.22 18.21
N VAL A 20 5.09 7.48 19.00
CA VAL A 20 3.90 8.01 19.64
C VAL A 20 4.27 9.01 20.69
N ARG A 21 5.31 8.70 21.49
CA ARG A 21 5.79 9.61 22.50
C ARG A 21 6.09 10.96 21.85
N VAL A 22 6.92 10.93 20.83
CA VAL A 22 7.37 12.15 20.18
C VAL A 22 6.16 12.97 19.56
N LEU A 23 5.11 12.27 19.14
CA LEU A 23 3.98 12.94 18.48
C LEU A 23 3.00 13.48 19.48
N THR A 24 3.14 13.04 20.71
CA THR A 24 2.23 13.49 21.75
C THR A 24 2.96 14.35 22.81
N GLU A 25 4.07 15.01 22.38
CA GLU A 25 4.92 15.82 23.30
C GLU A 25 4.36 17.21 23.55
N ASP A 26 3.66 17.76 22.53
CA ASP A 26 3.20 19.17 22.55
C ASP A 26 2.38 19.49 23.81
N GLU A 27 1.68 18.48 24.34
CA GLU A 27 1.05 18.58 25.70
C GLU A 27 1.97 19.33 26.68
N MET A 28 3.23 18.91 26.74
CA MET A 28 4.23 19.56 27.58
C MET A 28 4.23 21.10 27.38
N GLY A 29 4.29 21.53 26.13
CA GLY A 29 4.44 22.96 25.81
C GLY A 29 3.12 23.71 25.61
N HIS A 30 2.00 22.95 25.57
CA HIS A 30 0.68 23.52 25.16
C HIS A 30 -0.50 22.67 25.73
N PRO A 31 -0.70 22.71 27.07
CA PRO A 31 -1.66 21.79 27.74
C PRO A 31 -3.12 22.00 27.31
N GLU A 32 -3.48 23.24 26.99
CA GLU A 32 -4.79 23.55 26.43
C GLU A 32 -5.28 22.48 25.36
N ILE A 33 -4.35 21.96 24.55
CA ILE A 33 -4.70 21.00 23.54
C ILE A 33 -4.55 19.52 24.00
N GLY A 34 -4.40 19.30 25.30
CA GLY A 34 -4.14 17.96 25.84
C GLY A 34 -5.15 16.90 25.36
N ASP A 35 -6.43 17.25 25.40
CA ASP A 35 -7.50 16.31 25.08
C ASP A 35 -7.43 15.91 23.64
N ALA A 36 -6.99 16.83 22.80
CA ALA A 36 -6.90 16.55 21.37
C ALA A 36 -5.74 15.66 21.09
N ILE A 37 -4.69 15.81 21.88
CA ILE A 37 -3.49 15.01 21.73
C ILE A 37 -3.73 13.56 22.19
N ALA A 38 -4.43 13.40 23.33
CA ALA A 38 -4.84 12.08 23.81
C ALA A 38 -5.63 11.34 22.76
N ARG A 39 -6.58 12.02 22.14
CA ARG A 39 -7.34 11.40 21.08
C ARG A 39 -6.42 11.00 19.88
N LEU A 40 -5.40 11.80 19.62
CA LEU A 40 -4.52 11.51 18.51
C LEU A 40 -3.74 10.30 18.81
N LYS A 41 -3.37 10.14 20.07
CA LYS A 41 -2.64 8.97 20.49
C LYS A 41 -3.48 7.66 20.30
N GLU A 42 -4.77 7.74 20.57
CA GLU A 42 -5.71 6.64 20.34
C GLU A 42 -5.76 6.32 18.87
N VAL A 43 -5.80 7.35 18.06
CA VAL A 43 -5.93 7.15 16.60
C VAL A 43 -4.68 6.40 16.07
N LEU A 44 -3.52 6.82 16.56
CA LEU A 44 -2.26 6.17 16.25
C LEU A 44 -2.31 4.72 16.62
N GLU A 45 -2.67 4.44 17.85
CA GLU A 45 -2.48 3.11 18.38
C GLU A 45 -3.52 2.12 17.83
N TYR A 46 -4.71 2.62 17.55
CA TYR A 46 -5.71 1.82 16.91
C TYR A 46 -5.32 1.50 15.48
N ASN A 47 -4.87 2.52 14.75
CA ASN A 47 -4.88 2.46 13.32
C ASN A 47 -3.51 2.15 12.68
N ALA A 48 -2.42 2.39 13.39
CA ALA A 48 -1.06 2.22 12.83
C ALA A 48 -0.50 0.87 13.16
N ILE A 49 -1.05 0.28 14.21
CA ILE A 49 -0.63 -1.02 14.66
C ILE A 49 -1.59 -2.07 14.14
N GLY A 50 -1.07 -3.21 13.77
CA GLY A 50 -1.90 -4.41 13.58
C GLY A 50 -1.82 -5.04 12.20
N GLY A 51 -1.14 -4.36 11.27
CA GLY A 51 -0.87 -4.89 9.91
C GLY A 51 0.43 -5.70 9.86
N LYS A 52 0.95 -5.95 8.66
CA LYS A 52 2.21 -6.72 8.50
C LYS A 52 3.48 -5.81 8.42
N TYR A 53 3.29 -4.52 8.25
CA TYR A 53 4.38 -3.53 8.22
C TYR A 53 5.43 -3.76 7.08
N ASN A 54 5.03 -4.41 6.00
CA ASN A 54 5.95 -4.69 4.93
C ASN A 54 6.49 -3.43 4.29
N ARG A 55 5.66 -2.38 4.22
CA ARG A 55 6.02 -1.18 3.54
C ARG A 55 7.00 -0.35 4.35
N GLY A 56 6.68 -0.08 5.60
CA GLY A 56 7.60 0.61 6.47
C GLY A 56 8.89 -0.17 6.66
N LEU A 57 8.77 -1.47 6.76
CA LEU A 57 9.97 -2.35 6.92
C LEU A 57 10.83 -2.32 5.65
N THR A 58 10.19 -2.10 4.50
CA THR A 58 10.91 -2.07 3.24
C THR A 58 11.85 -0.89 3.23
N VAL A 59 11.47 0.16 3.93
CA VAL A 59 12.31 1.34 4.03
C VAL A 59 13.62 1.05 4.76
N VAL A 60 13.57 0.16 5.77
CA VAL A 60 14.72 -0.08 6.65
C VAL A 60 15.67 -1.06 6.00
N VAL A 61 15.10 -2.09 5.39
CA VAL A 61 15.87 -3.06 4.72
C VAL A 61 16.56 -2.42 3.50
N ALA A 62 15.80 -1.70 2.70
CA ALA A 62 16.36 -1.01 1.56
C ALA A 62 17.48 -0.15 2.02
N PHE A 63 17.21 0.66 3.01
CA PHE A 63 18.15 1.62 3.46
C PHE A 63 19.46 0.98 3.92
N ARG A 64 19.36 -0.15 4.61
CA ARG A 64 20.48 -0.72 5.22
C ARG A 64 21.27 -1.51 4.17
N GLU A 65 20.57 -1.96 3.14
CA GLU A 65 21.21 -2.59 2.00
C GLU A 65 21.87 -1.48 1.06
N LEU A 66 21.41 -0.24 1.16
CA LEU A 66 21.85 0.83 0.23
C LEU A 66 23.04 1.69 0.80
N VAL A 67 23.30 1.61 2.10
CA VAL A 67 24.62 2.05 2.64
C VAL A 67 25.27 0.97 3.48
N PRO A 69 27.95 1.30 3.81
CA PRO A 69 27.97 0.22 4.77
C PRO A 69 28.34 0.71 6.15
N ARG A 70 29.06 1.81 6.19
CA ARG A 70 29.56 2.32 7.44
C ARG A 70 28.91 3.62 7.78
N LYS A 71 28.07 4.13 6.89
CA LYS A 71 27.34 5.34 7.15
C LYS A 71 25.99 4.99 7.72
N GLN A 72 26.00 4.41 8.91
CA GLN A 72 24.79 4.23 9.68
C GLN A 72 25.08 4.17 11.17
N ASP A 73 25.29 5.33 11.75
CA ASP A 73 25.28 5.49 13.19
C ASP A 73 23.85 5.43 13.72
N ALA A 74 23.72 5.54 15.03
CA ALA A 74 22.45 5.26 15.68
C ALA A 74 21.39 6.23 15.20
N ASP A 75 21.79 7.46 14.91
CA ASP A 75 20.85 8.51 14.47
C ASP A 75 20.35 8.26 13.06
N SER A 76 21.23 7.84 12.19
CA SER A 76 20.83 7.50 10.85
C SER A 76 19.78 6.36 10.82
N LEU A 77 20.00 5.33 11.63
CA LEU A 77 19.10 4.19 11.66
C LEU A 77 17.75 4.60 12.26
N GLN A 78 17.81 5.54 13.20
CA GLN A 78 16.66 6.10 13.81
C GLN A 78 15.77 6.80 12.75
N ARG A 79 16.40 7.57 11.86
CA ARG A 79 15.70 8.26 10.80
C ARG A 79 15.11 7.26 9.81
N ALA A 80 15.87 6.25 9.47
CA ALA A 80 15.34 5.18 8.60
C ALA A 80 14.05 4.53 9.23
N TRP A 81 14.08 4.29 10.56
CA TRP A 81 12.92 3.73 11.26
C TRP A 81 11.73 4.71 11.20
N THR A 82 12.02 6.00 11.42
CA THR A 82 11.00 7.03 11.49
C THR A 82 10.31 7.17 10.15
N VAL A 83 11.09 7.17 9.08
CA VAL A 83 10.54 7.31 7.75
C VAL A 83 9.82 6.03 7.33
N GLY A 84 10.30 4.87 7.81
CA GLY A 84 9.51 3.62 7.76
C GLY A 84 8.11 3.82 8.34
N TRP A 85 8.06 4.35 9.53
CA TRP A 85 6.83 4.56 10.18
C TRP A 85 5.94 5.62 9.52
N CYS A 86 6.56 6.57 8.81
CA CYS A 86 5.84 7.56 8.03
C CYS A 86 5.07 6.89 6.89
N VAL A 87 5.70 5.97 6.21
CA VAL A 87 4.99 5.18 5.24
C VAL A 87 3.80 4.46 5.86
N GLU A 88 3.99 3.86 7.06
CA GLU A 88 2.89 3.19 7.75
C GLU A 88 1.78 4.18 8.14
N LEU A 89 2.14 5.39 8.47
CA LEU A 89 1.13 6.40 8.75
C LEU A 89 0.34 6.83 7.48
N LEU A 90 1.05 6.96 6.37
CA LEU A 90 0.41 7.22 5.14
C LEU A 90 -0.60 6.12 4.90
N GLN A 91 -0.18 4.87 5.04
CA GLN A 91 -1.08 3.79 4.79
C GLN A 91 -2.33 3.86 5.71
N ALA A 92 -2.11 4.16 7.00
CA ALA A 92 -3.17 4.19 7.94
C ALA A 92 -4.18 5.26 7.56
N PHE A 93 -3.68 6.38 7.08
CA PHE A 93 -4.51 7.50 6.61
C PHE A 93 -5.43 7.05 5.46
N PHE A 94 -4.85 6.35 4.48
CA PHE A 94 -5.66 5.82 3.39
C PHE A 94 -6.68 4.84 3.90
N LEU A 95 -6.27 3.92 4.73
CA LEU A 95 -7.15 2.81 5.11
C LEU A 95 -8.31 3.28 5.96
N VAL A 96 -8.05 4.22 6.87
CA VAL A 96 -9.12 4.71 7.73
C VAL A 96 -10.14 5.40 6.87
N ALA A 97 -9.67 6.18 5.93
CA ALA A 97 -10.53 6.89 5.04
C ALA A 97 -11.22 5.96 4.00
N ASP A 98 -10.48 5.07 3.39
CA ASP A 98 -11.09 4.10 2.45
C ASP A 98 -12.19 3.29 3.14
N ASP A 99 -11.98 2.94 4.41
CA ASP A 99 -12.95 2.09 5.12
C ASP A 99 -14.28 2.83 5.26
N ILE A 100 -14.23 4.15 5.46
CA ILE A 100 -15.45 4.97 5.56
C ILE A 100 -16.12 4.99 4.21
N MET A 101 -15.34 5.33 3.19
CA MET A 101 -15.88 5.47 1.89
C MET A 101 -16.58 4.18 1.40
N ASP A 102 -16.05 3.01 1.71
CA ASP A 102 -16.70 1.77 1.20
C ASP A 102 -17.56 1.05 2.24
N SER A 103 -17.87 1.75 3.33
CA SER A 103 -18.72 1.21 4.38
C SER A 103 -18.24 -0.16 4.85
N SER A 104 -16.93 -0.29 5.07
CA SER A 104 -16.40 -1.55 5.53
C SER A 104 -16.71 -1.75 7.01
N LEU A 105 -16.72 -2.99 7.43
CA LEU A 105 -17.03 -3.33 8.81
C LEU A 105 -15.78 -3.58 9.60
N THR A 106 -14.87 -4.39 9.03
CA THR A 106 -13.65 -4.82 9.75
C THR A 106 -12.41 -4.49 8.96
N ARG A 107 -11.30 -4.42 9.69
CA ARG A 107 -10.00 -4.19 9.12
C ARG A 107 -8.95 -4.86 10.04
N ARG A 108 -8.06 -5.66 9.47
CA ARG A 108 -6.99 -6.27 10.24
C ARG A 108 -7.63 -7.08 11.39
N GLY A 109 -8.67 -7.85 11.06
CA GLY A 109 -9.41 -8.63 12.06
C GLY A 109 -10.05 -7.79 13.19
N GLN A 110 -10.16 -6.48 12.97
CA GLN A 110 -10.68 -5.58 14.01
C GLN A 110 -11.84 -4.74 13.44
N ILE A 111 -12.68 -4.21 14.30
CA ILE A 111 -13.71 -3.30 13.88
C ILE A 111 -13.01 -2.02 13.30
N CYS A 112 -13.46 -1.57 12.14
CA CYS A 112 -12.90 -0.37 11.52
C CYS A 112 -12.99 0.80 12.49
N TRP A 113 -11.95 1.61 12.55
CA TRP A 113 -11.93 2.76 13.50
C TRP A 113 -13.30 3.52 13.49
N TYR A 114 -13.84 3.75 12.32
CA TYR A 114 -14.99 4.62 12.21
C TYR A 114 -16.26 3.93 12.72
N GLN A 115 -16.29 2.59 12.71
CA GLN A 115 -17.48 1.83 13.21
C GLN A 115 -17.56 1.81 14.72
N LYS A 116 -16.50 2.26 15.37
CA LYS A 116 -16.52 2.43 16.81
C LYS A 116 -17.61 3.44 17.22
N PRO A 117 -18.50 3.03 18.13
CA PRO A 117 -19.41 3.97 18.77
C PRO A 117 -18.69 5.16 19.37
N GLY A 118 -19.10 6.35 19.00
CA GLY A 118 -18.45 7.57 19.48
C GLY A 118 -17.43 8.14 18.49
N VAL A 119 -17.15 7.41 17.43
CA VAL A 119 -16.23 7.88 16.40
C VAL A 119 -17.00 8.32 15.16
N GLY A 120 -17.60 7.36 14.47
CA GLY A 120 -18.29 7.65 13.22
C GLY A 120 -17.50 8.55 12.31
N LEU A 121 -18.13 9.61 11.83
CA LEU A 121 -17.58 10.38 10.76
C LEU A 121 -16.48 11.36 11.24
N ASP A 122 -16.33 11.48 12.56
CA ASP A 122 -15.11 12.13 13.14
C ASP A 122 -13.83 11.44 12.68
N ALA A 123 -13.96 10.21 12.22
CA ALA A 123 -12.82 9.49 11.68
C ALA A 123 -12.18 10.22 10.51
N ILE A 124 -12.97 11.01 9.82
CA ILE A 124 -12.46 11.80 8.72
C ILE A 124 -11.32 12.74 9.21
N ASN A 125 -11.57 13.48 10.26
CA ASN A 125 -10.50 14.35 10.82
C ASN A 125 -9.35 13.51 11.37
N ASP A 126 -9.70 12.34 11.97
CA ASP A 126 -8.70 11.41 12.50
C ASP A 126 -7.72 10.97 11.39
N ALA A 127 -8.27 10.66 10.23
CA ALA A 127 -7.49 10.30 9.10
C ALA A 127 -6.58 11.43 8.68
N ASN A 128 -7.11 12.63 8.61
CA ASN A 128 -6.29 13.77 8.27
C ASN A 128 -5.11 14.01 9.25
N LEU A 129 -5.33 13.74 10.53
CA LEU A 129 -4.27 13.85 11.52
C LEU A 129 -3.15 12.82 11.32
N LEU A 130 -3.50 11.62 10.90
CA LEU A 130 -2.51 10.66 10.57
C LEU A 130 -1.63 11.14 9.45
N GLU A 131 -2.24 11.69 8.44
CA GLU A 131 -1.50 12.31 7.35
C GLU A 131 -0.54 13.36 7.88
N ALA A 132 -1.06 14.26 8.70
CA ALA A 132 -0.29 15.38 9.19
C ALA A 132 0.92 14.93 10.01
N CYS A 133 0.77 13.82 10.71
CA CYS A 133 1.83 13.28 11.56
C CYS A 133 3.05 12.86 10.72
N ILE A 134 2.82 12.46 9.48
CA ILE A 134 3.95 12.20 8.57
C ILE A 134 4.92 13.35 8.56
N TYR A 135 4.41 14.57 8.34
CA TYR A 135 5.27 15.73 8.05
C TYR A 135 5.81 16.32 9.36
N ARG A 136 5.11 16.05 10.47
CA ARG A 136 5.66 16.37 11.81
C ARG A 136 6.93 15.49 12.14
N LEU A 137 6.88 14.20 11.79
CA LEU A 137 8.00 13.28 12.05
C LEU A 137 9.17 13.66 11.18
N LEU A 138 8.91 13.91 9.91
CA LEU A 138 9.95 14.37 8.98
C LEU A 138 10.63 15.63 9.48
N LYS A 139 9.85 16.59 9.94
CA LYS A 139 10.47 17.79 10.49
C LYS A 139 11.28 17.48 11.75
N LEU A 140 10.70 16.71 12.64
CA LEU A 140 11.35 16.39 13.91
C LEU A 140 12.69 15.65 13.71
N TYR A 141 12.74 14.74 12.75
CA TYR A 141 13.90 13.89 12.59
C TYR A 141 14.78 14.25 11.42
N CYS A 142 14.23 14.85 10.38
CA CYS A 142 14.95 14.95 9.10
C CYS A 142 15.25 16.41 8.60
N ARG A 143 14.82 17.42 9.34
CA ARG A 143 14.80 18.81 8.80
C ARG A 143 16.17 19.32 8.47
N GLU A 144 17.18 18.82 9.20
CA GLU A 144 18.57 19.25 8.94
C GLU A 144 19.25 18.38 7.89
N GLN A 145 18.54 17.36 7.38
CA GLN A 145 19.12 16.44 6.41
C GLN A 145 19.05 16.99 4.99
N PRO A 146 20.04 16.64 4.14
CA PRO A 146 20.03 17.18 2.78
C PRO A 146 18.80 16.73 1.94
N TYR A 147 18.21 15.57 2.30
CA TYR A 147 17.12 14.98 1.54
C TYR A 147 15.73 15.37 2.09
N TYR A 148 15.67 16.40 2.96
CA TYR A 148 14.42 16.76 3.69
C TYR A 148 13.29 17.12 2.74
N LEU A 149 13.57 18.07 1.86
CA LEU A 149 12.62 18.50 0.90
C LEU A 149 12.24 17.35 -0.08
N ASN A 150 13.22 16.57 -0.53
CA ASN A 150 12.93 15.46 -1.41
C ASN A 150 11.91 14.47 -0.80
N LEU A 151 12.05 14.19 0.50
CA LEU A 151 11.12 13.28 1.20
C LEU A 151 9.73 13.94 1.35
N ILE A 152 9.70 15.24 1.67
CA ILE A 152 8.41 15.93 1.77
C ILE A 152 7.66 15.80 0.43
N GLU A 153 8.30 16.24 -0.65
CA GLU A 153 7.70 16.17 -1.96
C GLU A 153 7.31 14.69 -2.30
N LEU A 154 8.19 13.71 -1.97
CA LEU A 154 7.88 12.27 -2.25
C LEU A 154 6.59 11.79 -1.56
N PHE A 155 6.44 12.11 -0.29
CA PHE A 155 5.24 11.73 0.43
C PHE A 155 4.00 12.44 -0.10
N LEU A 156 4.15 13.75 -0.46
CA LEU A 156 3.01 14.54 -1.05
C LEU A 156 2.60 14.01 -2.42
N GLN A 157 3.59 13.77 -3.30
CA GLN A 157 3.34 13.12 -4.62
C GLN A 157 2.64 11.68 -4.45
N SER A 158 3.14 10.89 -3.52
CA SER A 158 2.56 9.57 -3.27
C SER A 158 1.11 9.68 -2.85
N SER A 159 0.82 10.65 -1.99
CA SER A 159 -0.53 10.85 -1.55
C SER A 159 -1.44 11.23 -2.72
N TYR A 160 -1.03 12.25 -3.47
CA TYR A 160 -1.77 12.69 -4.62
C TYR A 160 -2.06 11.50 -5.60
N GLN A 161 -1.03 10.71 -5.91
CA GLN A 161 -1.20 9.58 -6.85
C GLN A 161 -2.23 8.64 -6.32
N THR A 162 -2.11 8.32 -5.04
CA THR A 162 -3.00 7.40 -4.41
C THR A 162 -4.44 7.92 -4.47
N GLU A 163 -4.60 9.22 -4.25
CA GLU A 163 -5.93 9.81 -4.20
C GLU A 163 -6.56 9.83 -5.55
N ILE A 164 -5.71 10.01 -6.56
CA ILE A 164 -6.14 9.98 -7.93
C ILE A 164 -6.57 8.56 -8.31
N GLY A 165 -5.79 7.59 -7.90
CA GLY A 165 -6.15 6.20 -8.08
C GLY A 165 -7.48 5.86 -7.46
N GLN A 166 -7.74 6.40 -6.27
CA GLN A 166 -8.95 6.11 -5.53
C GLN A 166 -10.17 6.74 -6.24
N THR A 167 -10.00 7.96 -6.73
CA THR A 167 -10.98 8.60 -7.55
C THR A 167 -11.33 7.71 -8.71
N LEU A 168 -10.33 7.28 -9.42
CA LEU A 168 -10.51 6.49 -10.57
C LEU A 168 -11.25 5.19 -10.19
N ASP A 169 -10.90 4.62 -9.03
CA ASP A 169 -11.52 3.38 -8.57
C ASP A 169 -13.02 3.62 -8.28
N LEU A 170 -13.31 4.74 -7.63
CA LEU A 170 -14.71 5.14 -7.28
C LEU A 170 -15.57 5.39 -8.51
N LEU A 171 -14.99 6.01 -9.54
CA LEU A 171 -15.71 6.20 -10.83
C LEU A 171 -16.01 4.85 -11.51
N THR A 172 -15.17 3.86 -11.22
CA THR A 172 -15.13 2.65 -11.99
C THR A 172 -16.01 1.57 -11.38
N ALA A 173 -16.08 1.52 -10.05
CA ALA A 173 -16.84 0.49 -9.37
C ALA A 173 -17.85 1.11 -8.39
N PRO A 174 -18.79 1.93 -8.90
CA PRO A 174 -19.70 2.62 -8.02
C PRO A 174 -20.43 1.67 -7.08
N GLN A 175 -20.76 2.16 -5.90
CA GLN A 175 -21.04 1.30 -4.75
C GLN A 175 -22.33 0.51 -4.95
N ASN A 177 -23.20 -0.30 -7.92
CA ASN A 177 -24.13 -0.93 -8.84
C ASN A 177 -23.41 -1.47 -10.10
N VAL A 178 -23.74 -2.71 -10.46
CA VAL A 178 -23.06 -3.41 -11.58
C VAL A 178 -22.89 -2.53 -12.82
N ASP A 179 -21.70 -2.56 -13.44
CA ASP A 179 -21.51 -2.03 -14.79
C ASP A 179 -20.09 -2.58 -15.11
N LEU A 180 -19.94 -3.16 -16.29
CA LEU A 180 -18.85 -4.08 -16.56
C LEU A 180 -18.11 -3.46 -17.74
N VAL A 181 -18.79 -2.59 -18.45
CA VAL A 181 -18.19 -1.89 -19.59
C VAL A 181 -17.01 -0.99 -19.14
N ARG A 182 -17.02 -0.62 -17.86
CA ARG A 182 -15.93 0.16 -17.28
C ARG A 182 -14.73 -0.73 -16.93
N PHE A 183 -15.00 -2.00 -16.65
CA PHE A 183 -13.95 -2.94 -16.19
C PHE A 183 -13.07 -3.38 -17.35
N THR A 184 -12.21 -2.51 -17.82
CA THR A 184 -11.28 -2.89 -18.86
C THR A 184 -9.88 -3.09 -18.31
N GLU A 185 -9.03 -3.63 -19.14
CA GLU A 185 -7.68 -3.94 -18.75
C GLU A 185 -6.91 -2.67 -18.50
N LYS A 186 -6.96 -1.74 -19.44
CA LYS A 186 -6.22 -0.51 -19.36
C LYS A 186 -6.65 0.28 -18.11
N ARG A 187 -7.95 0.25 -17.81
CA ARG A 187 -8.48 0.89 -16.59
C ARG A 187 -8.02 0.19 -15.33
N TYR A 188 -7.98 -1.14 -15.38
CA TYR A 188 -7.52 -1.93 -14.22
C TYR A 188 -6.08 -1.61 -13.87
N LYS A 189 -5.20 -1.70 -14.87
CA LYS A 189 -3.77 -1.38 -14.70
C LYS A 189 -3.59 0.01 -14.16
N SER A 190 -4.39 0.92 -14.67
CA SER A 190 -4.30 2.28 -14.30
C SER A 190 -4.71 2.51 -12.83
N ILE A 191 -5.73 1.80 -12.37
CA ILE A 191 -6.13 1.88 -10.98
C ILE A 191 -5.03 1.31 -10.06
N VAL A 192 -4.45 0.18 -10.46
CA VAL A 192 -3.45 -0.48 -9.63
C VAL A 192 -2.23 0.41 -9.52
N LYS A 193 -1.82 0.98 -10.65
CA LYS A 193 -0.64 1.84 -10.67
C LYS A 193 -0.75 2.99 -9.68
N TYR A 194 -1.80 3.77 -9.81
CA TYR A 194 -1.91 5.01 -9.06
C TYR A 194 -2.35 4.74 -7.61
N LYS A 195 -3.29 3.80 -7.43
CA LYS A 195 -3.91 3.56 -6.09
C LYS A 195 -3.05 2.70 -5.14
N THR A 196 -2.27 1.80 -5.71
CA THR A 196 -1.56 0.82 -4.91
C THR A 196 -0.03 0.82 -5.15
N ALA A 197 0.39 0.86 -6.43
CA ALA A 197 1.75 0.54 -6.80
C ALA A 197 2.71 1.66 -6.39
N PHE A 198 2.31 2.91 -6.59
CA PHE A 198 3.20 4.04 -6.30
C PHE A 198 3.54 4.06 -4.81
N TYR A 199 2.53 4.05 -3.96
CA TYR A 199 2.78 4.25 -2.54
C TYR A 199 3.30 2.96 -1.89
N SER A 200 2.99 1.78 -2.47
CA SER A 200 3.33 0.50 -1.80
C SER A 200 4.72 0.04 -2.16
N PHE A 201 5.18 0.38 -3.36
CA PHE A 201 6.40 -0.17 -3.87
C PHE A 201 7.43 0.88 -4.25
N TYR A 202 7.03 1.93 -4.96
CA TYR A 202 7.99 3.00 -5.28
C TYR A 202 8.32 3.82 -4.02
N LEU A 203 7.31 4.32 -3.33
CA LEU A 203 7.53 5.24 -2.17
C LEU A 203 8.63 4.67 -1.18
N PRO A 204 8.49 3.39 -0.75
CA PRO A 204 9.39 2.97 0.32
C PRO A 204 10.86 2.88 -0.13
N ILE A 205 11.09 2.36 -1.34
CA ILE A 205 12.46 2.26 -1.88
C ILE A 205 12.99 3.67 -2.20
N ALA A 206 12.14 4.51 -2.79
CA ALA A 206 12.59 5.88 -3.23
C ALA A 206 13.02 6.69 -2.03
N ALA A 207 12.34 6.50 -0.90
CA ALA A 207 12.68 7.23 0.32
C ALA A 207 14.01 6.73 0.88
N ALA A 208 14.18 5.42 0.91
CA ALA A 208 15.47 4.83 1.28
C ALA A 208 16.54 5.35 0.35
N MET A 209 16.27 5.33 -0.94
CA MET A 209 17.13 5.90 -1.90
C MET A 209 17.56 7.32 -1.53
N TYR A 210 16.60 8.20 -1.29
CA TYR A 210 16.94 9.62 -0.98
C TYR A 210 17.76 9.70 0.29
N MET A 211 17.44 8.86 1.26
CA MET A 211 18.13 8.92 2.53
C MET A 211 19.62 8.45 2.38
N ALA A 212 19.89 7.67 1.34
CA ALA A 212 21.25 7.22 1.04
C ALA A 212 22.01 8.22 0.11
N GLY A 213 21.36 9.34 -0.20
CA GLY A 213 21.98 10.39 -1.01
C GLY A 213 21.84 10.13 -2.49
N ILE A 214 20.98 9.18 -2.84
CA ILE A 214 20.76 8.81 -4.22
C ILE A 214 19.55 9.57 -4.72
N ASP A 215 19.79 10.76 -5.27
CA ASP A 215 18.69 11.67 -5.57
C ASP A 215 18.49 11.85 -7.10
N GLY A 216 19.27 11.13 -7.88
CA GLY A 216 19.25 11.28 -9.34
C GLY A 216 17.90 10.96 -9.97
N GLU A 217 17.51 11.76 -10.94
CA GLU A 217 16.24 11.63 -11.59
C GLU A 217 16.22 10.37 -12.37
N LYS A 218 17.34 10.08 -13.01
CA LYS A 218 17.46 8.90 -13.82
C LYS A 218 17.34 7.63 -12.98
N GLU A 219 17.94 7.63 -11.81
CA GLU A 219 17.99 6.44 -10.99
C GLU A 219 16.58 6.16 -10.41
N HIS A 220 15.94 7.19 -9.91
CA HIS A 220 14.60 7.08 -9.43
C HIS A 220 13.65 6.62 -10.52
N ALA A 221 13.84 7.09 -11.73
CA ALA A 221 12.97 6.69 -12.83
C ALA A 221 13.17 5.18 -13.15
N ASN A 222 14.42 4.72 -13.05
CA ASN A 222 14.74 3.27 -13.27
C ASN A 222 14.17 2.39 -12.20
N ALA A 223 14.39 2.77 -10.95
CA ALA A 223 13.83 2.05 -9.84
C ALA A 223 12.30 1.98 -9.96
N LYS A 224 11.69 3.10 -10.34
CA LYS A 224 10.23 3.20 -10.52
C LYS A 224 9.70 2.21 -11.59
N LYS A 225 10.40 2.09 -12.71
CA LYS A 225 10.00 1.15 -13.76
C LYS A 225 9.87 -0.27 -13.20
N ILE A 226 10.87 -0.68 -12.43
CA ILE A 226 10.88 -2.01 -11.84
C ILE A 226 9.71 -2.15 -10.88
N LEU A 227 9.63 -1.19 -9.97
CA LEU A 227 8.75 -1.30 -8.80
C LEU A 227 7.25 -1.17 -9.14
N LEU A 228 6.92 -0.39 -10.15
CA LEU A 228 5.52 -0.27 -10.54
C LEU A 228 5.04 -1.56 -11.19
N GLU A 229 5.95 -2.26 -11.86
CA GLU A 229 5.62 -3.56 -12.46
C GLU A 229 5.47 -4.65 -11.36
N MET A 230 6.28 -4.56 -10.31
CA MET A 230 6.14 -5.44 -9.17
C MET A 230 4.80 -5.19 -8.50
N GLY A 231 4.45 -3.93 -8.40
CA GLY A 231 3.18 -3.53 -7.79
C GLY A 231 2.03 -4.08 -8.55
N GLU A 232 2.12 -4.05 -9.86
CA GLU A 232 1.08 -4.53 -10.66
C GLU A 232 0.89 -6.05 -10.44
N PHE A 233 1.97 -6.83 -10.45
CA PHE A 233 1.83 -8.26 -10.22
C PHE A 233 1.22 -8.51 -8.82
N PHE A 234 1.67 -7.74 -7.86
CA PHE A 234 1.25 -7.89 -6.48
C PHE A 234 -0.25 -7.84 -6.37
N GLN A 235 -0.85 -6.87 -7.01
CA GLN A 235 -2.22 -6.63 -6.85
C GLN A 235 -3.02 -7.71 -7.60
N ILE A 236 -2.51 -8.10 -8.74
CA ILE A 236 -3.14 -9.10 -9.53
C ILE A 236 -3.14 -10.43 -8.77
N GLN A 237 -2.00 -10.77 -8.15
CA GLN A 237 -1.95 -11.94 -7.29
C GLN A 237 -2.96 -11.81 -6.15
N ASP A 238 -2.89 -10.70 -5.46
CA ASP A 238 -3.93 -10.32 -4.48
C ASP A 238 -5.35 -10.66 -4.97
N ASP A 239 -5.67 -10.26 -6.20
CA ASP A 239 -7.03 -10.46 -6.73
C ASP A 239 -7.31 -11.95 -6.93
N TYR A 240 -6.34 -12.66 -7.46
CA TYR A 240 -6.46 -14.08 -7.66
C TYR A 240 -6.67 -14.78 -6.32
N LEU A 241 -5.85 -14.41 -5.34
CA LEU A 241 -5.88 -15.05 -4.06
C LEU A 241 -7.16 -14.73 -3.31
N ASP A 242 -7.69 -13.52 -3.51
CA ASP A 242 -8.97 -13.11 -2.86
C ASP A 242 -10.02 -14.22 -2.95
N LEU A 243 -10.14 -14.78 -4.15
CA LEU A 243 -11.11 -15.82 -4.45
C LEU A 243 -10.50 -17.23 -4.22
N PHE A 244 -9.35 -17.49 -4.84
CA PHE A 244 -8.83 -18.85 -5.02
C PHE A 244 -7.77 -19.22 -3.97
N GLY A 245 -7.48 -18.29 -3.07
CA GLY A 245 -6.53 -18.55 -1.99
C GLY A 245 -7.14 -19.39 -0.89
N ASP A 246 -6.29 -19.87 0.01
CA ASP A 246 -6.75 -20.62 1.17
C ASP A 246 -6.74 -19.72 2.39
N PRO A 247 -7.94 -19.45 2.96
CA PRO A 247 -8.05 -18.58 4.14
C PRO A 247 -7.29 -19.13 5.33
N SER A 248 -7.01 -20.43 5.30
CA SER A 248 -6.15 -21.05 6.29
C SER A 248 -4.65 -20.69 6.10
N VAL A 249 -4.29 -20.22 4.90
CA VAL A 249 -2.92 -19.78 4.62
C VAL A 249 -2.82 -18.25 4.55
N THR A 250 -3.93 -17.60 4.15
CA THR A 250 -3.90 -16.16 3.83
C THR A 250 -4.28 -15.28 5.03
N GLY A 251 -5.20 -15.76 5.86
CA GLY A 251 -5.63 -15.01 7.05
C GLY A 251 -6.84 -14.11 6.81
N LYS A 252 -7.49 -14.26 5.65
CA LYS A 252 -8.84 -13.71 5.43
C LYS A 252 -9.53 -14.37 4.23
N ILE A 253 -10.86 -14.23 4.15
CA ILE A 253 -11.61 -14.73 2.99
C ILE A 253 -12.28 -13.58 2.22
N GLY A 254 -12.31 -13.69 0.88
CA GLY A 254 -12.44 -12.51 -0.01
C GLY A 254 -13.86 -12.26 -0.49
N THR A 255 -14.17 -10.98 -0.76
CA THR A 255 -15.52 -10.55 -1.04
C THR A 255 -15.56 -9.66 -2.29
N ASP A 256 -14.54 -9.79 -3.14
CA ASP A 256 -14.39 -8.93 -4.34
C ASP A 256 -15.63 -8.96 -5.22
N ILE A 257 -16.07 -10.16 -5.58
CA ILE A 257 -17.18 -10.30 -6.54
C ILE A 257 -18.44 -9.60 -6.01
N GLN A 258 -18.79 -9.86 -4.75
CA GLN A 258 -19.94 -9.20 -4.12
C GLN A 258 -19.82 -7.67 -4.23
N ASP A 259 -18.59 -7.16 -4.06
CA ASP A 259 -18.39 -5.71 -3.90
C ASP A 259 -18.34 -4.96 -5.24
N ASN A 260 -18.57 -5.65 -6.36
CA ASN A 260 -18.45 -5.04 -7.69
C ASN A 260 -17.03 -4.49 -7.92
N LYS A 261 -16.01 -5.23 -7.46
CA LYS A 261 -14.63 -4.79 -7.60
C LYS A 261 -14.19 -4.93 -9.02
N CYS A 262 -13.40 -3.98 -9.49
CA CYS A 262 -12.62 -4.18 -10.67
C CYS A 262 -11.44 -5.12 -10.32
N SER A 263 -11.74 -6.41 -10.22
CA SER A 263 -10.73 -7.44 -9.97
C SER A 263 -10.08 -7.80 -11.28
N TRP A 264 -8.80 -8.17 -11.23
CA TRP A 264 -8.15 -8.75 -12.37
C TRP A 264 -8.99 -9.88 -12.93
N LEU A 265 -9.59 -10.68 -12.06
CA LEU A 265 -10.32 -11.86 -12.48
C LEU A 265 -11.53 -11.50 -13.38
N VAL A 266 -12.29 -10.48 -12.99
CA VAL A 266 -13.47 -10.09 -13.78
C VAL A 266 -13.04 -9.43 -15.10
N VAL A 267 -11.92 -8.70 -15.08
CA VAL A 267 -11.39 -8.12 -16.31
C VAL A 267 -11.02 -9.25 -17.28
N GLN A 268 -10.43 -10.32 -16.76
CA GLN A 268 -10.01 -11.47 -17.58
C GLN A 268 -11.23 -12.26 -18.10
N CYS A 269 -12.22 -12.42 -17.22
CA CYS A 269 -13.48 -13.05 -17.56
C CYS A 269 -14.18 -12.35 -18.72
N LEU A 270 -14.15 -11.01 -18.70
CA LEU A 270 -14.95 -10.19 -19.65
C LEU A 270 -14.39 -10.22 -21.04
N GLN A 271 -13.08 -10.19 -21.17
CA GLN A 271 -12.44 -10.26 -22.48
C GLN A 271 -12.45 -11.71 -23.02
N ARG A 272 -13.05 -12.64 -22.26
CA ARG A 272 -13.07 -14.04 -22.63
C ARG A 272 -14.44 -14.70 -22.28
N ALA A 273 -15.52 -13.97 -22.54
CA ALA A 273 -16.88 -14.50 -22.34
C ALA A 273 -17.70 -14.27 -23.58
N THR A 274 -18.16 -15.35 -24.20
CA THR A 274 -19.23 -15.26 -25.18
C THR A 274 -20.45 -14.57 -24.54
N PRO A 275 -21.27 -13.87 -25.36
CA PRO A 275 -22.34 -13.02 -24.81
C PRO A 275 -23.20 -13.72 -23.73
N GLU A 276 -23.38 -15.04 -23.87
CA GLU A 276 -24.10 -15.85 -22.87
C GLU A 276 -23.42 -15.72 -21.50
N GLN A 277 -22.12 -15.91 -21.49
CA GLN A 277 -21.36 -15.80 -20.29
C GLN A 277 -21.32 -14.35 -19.85
N TYR A 278 -21.24 -13.44 -20.83
CA TYR A 278 -21.15 -12.01 -20.56
C TYR A 278 -22.19 -11.56 -19.52
N GLN A 279 -23.42 -12.05 -19.65
CA GLN A 279 -24.51 -11.51 -18.84
C GLN A 279 -25.48 -12.60 -18.42
N ILE A 280 -25.38 -13.07 -17.16
CA ILE A 280 -24.15 -13.00 -16.34
C ILE A 280 -23.32 -11.72 -16.52
N LYS A 282 -24.14 -9.26 -15.64
CA LYS A 282 -24.53 -8.38 -14.54
C LYS A 282 -25.75 -8.94 -13.80
N GLU A 283 -25.86 -10.26 -13.75
CA GLU A 283 -26.96 -10.92 -13.09
C GLU A 283 -26.49 -11.66 -11.84
N ASN A 284 -25.18 -11.84 -11.72
CA ASN A 284 -24.60 -12.52 -10.57
C ASN A 284 -23.46 -11.73 -9.94
N TYR A 285 -23.15 -10.59 -10.53
CA TYR A 285 -22.08 -9.73 -10.03
C TYR A 285 -22.62 -8.71 -9.02
N GLY A 286 -22.61 -9.09 -7.74
CA GLY A 286 -23.08 -8.22 -6.69
C GLY A 286 -24.21 -8.85 -5.89
N GLN A 287 -23.86 -9.42 -4.73
CA GLN A 287 -24.84 -10.05 -3.87
C GLN A 287 -25.67 -9.01 -3.11
N VAL A 293 -24.85 -18.02 -5.26
CA VAL A 293 -23.82 -17.00 -5.13
C VAL A 293 -22.79 -17.10 -6.31
N ALA A 294 -22.44 -18.33 -6.72
CA ALA A 294 -21.36 -18.57 -7.70
C ALA A 294 -21.86 -18.46 -9.12
N VAL A 296 -19.97 -16.00 -9.53
CA VAL A 296 -19.05 -15.87 -10.64
C VAL A 296 -18.06 -17.02 -10.63
N LYS A 297 -17.83 -17.59 -9.45
CA LYS A 297 -16.67 -18.44 -9.22
C LYS A 297 -16.66 -19.60 -10.17
N ALA A 298 -17.84 -20.15 -10.41
CA ALA A 298 -17.96 -21.29 -11.26
C ALA A 298 -17.57 -20.94 -12.69
N LEU A 299 -18.02 -19.78 -13.16
CA LEU A 299 -17.69 -19.33 -14.52
C LEU A 299 -16.17 -19.03 -14.69
N TYR A 300 -15.56 -18.47 -13.66
CA TYR A 300 -14.09 -18.22 -13.70
C TYR A 300 -13.33 -19.53 -13.93
N GLU A 301 -13.78 -20.60 -13.25
CA GLU A 301 -13.15 -21.94 -13.40
C GLU A 301 -13.42 -22.53 -14.81
N GLU A 302 -14.61 -22.27 -15.33
CA GLU A 302 -14.96 -22.69 -16.70
C GLU A 302 -14.06 -22.04 -17.76
N LEU A 303 -13.57 -20.84 -17.46
CA LEU A 303 -12.67 -20.14 -18.38
C LEU A 303 -11.20 -20.37 -18.01
N ASP A 304 -10.94 -21.25 -17.04
CA ASP A 304 -9.55 -21.63 -16.65
C ASP A 304 -8.75 -20.42 -16.28
N LEU A 305 -9.34 -19.54 -15.49
CA LEU A 305 -8.65 -18.37 -15.04
C LEU A 305 -7.44 -18.71 -14.09
N PRO A 306 -7.55 -19.81 -13.30
CA PRO A 306 -6.39 -20.24 -12.47
C PRO A 306 -5.17 -20.64 -13.28
N ALA A 307 -5.38 -21.16 -14.48
CA ALA A 307 -4.26 -21.51 -15.37
C ALA A 307 -3.73 -20.25 -16.09
N VAL A 308 -4.66 -19.34 -16.44
CA VAL A 308 -4.30 -18.05 -17.01
C VAL A 308 -3.46 -17.27 -15.98
N PHE A 309 -3.85 -17.34 -14.71
CA PHE A 309 -3.06 -16.73 -13.67
C PHE A 309 -1.67 -17.39 -13.59
N LEU A 310 -1.65 -18.70 -13.47
CA LEU A 310 -0.42 -19.43 -13.35
C LEU A 310 0.54 -19.03 -14.49
N GLN A 311 -0.01 -18.98 -15.71
CA GLN A 311 0.76 -18.59 -16.90
C GLN A 311 1.26 -17.12 -16.78
N TYR A 312 0.34 -16.22 -16.43
CA TYR A 312 0.68 -14.79 -16.35
C TYR A 312 1.77 -14.56 -15.25
N GLU A 313 1.70 -15.33 -14.18
CA GLU A 313 2.67 -15.22 -13.11
C GLU A 313 4.08 -15.64 -13.59
N GLU A 314 4.13 -16.66 -14.42
CA GLU A 314 5.39 -17.14 -14.95
C GLU A 314 5.99 -16.09 -15.90
N ASP A 315 5.15 -15.52 -16.75
CA ASP A 315 5.59 -14.46 -17.69
C ASP A 315 6.01 -13.19 -16.93
N SER A 316 5.19 -12.81 -15.97
CA SER A 316 5.45 -11.66 -15.09
C SER A 316 6.80 -11.78 -14.33
N TYR A 317 7.05 -12.94 -13.75
CA TYR A 317 8.38 -13.20 -13.10
C TYR A 317 9.55 -13.03 -14.10
N SER A 318 9.48 -13.75 -15.21
CA SER A 318 10.46 -13.54 -16.30
C SER A 318 10.65 -12.08 -16.53
N HIS A 319 9.55 -11.36 -16.66
CA HIS A 319 9.60 -9.94 -17.08
C HIS A 319 10.29 -9.08 -16.03
N ILE A 320 10.06 -9.41 -14.76
CA ILE A 320 10.57 -8.63 -13.67
C ILE A 320 12.08 -8.88 -13.50
N MET A 321 12.51 -10.09 -13.78
CA MET A 321 13.92 -10.41 -13.68
C MET A 321 14.73 -9.64 -14.78
N ALA A 322 14.18 -9.56 -15.97
CA ALA A 322 14.80 -8.75 -17.06
C ALA A 322 14.81 -7.28 -16.70
N LEU A 323 13.73 -6.82 -16.08
CA LEU A 323 13.66 -5.43 -15.67
C LEU A 323 14.74 -5.10 -14.65
N ILE A 324 14.95 -5.98 -13.72
CA ILE A 324 16.00 -5.79 -12.72
C ILE A 324 17.36 -5.80 -13.37
N GLU A 325 17.54 -6.74 -14.29
CA GLU A 325 18.78 -6.86 -15.06
C GLU A 325 19.06 -5.57 -15.76
N GLN A 326 18.06 -5.03 -16.42
CA GLN A 326 18.27 -3.86 -17.23
C GLN A 326 18.35 -2.55 -16.40
N TYR A 327 17.58 -2.46 -15.30
CA TYR A 327 17.30 -1.14 -14.68
C TYR A 327 17.80 -0.98 -13.24
N ALA A 328 18.39 -1.99 -12.67
CA ALA A 328 18.76 -1.96 -11.25
C ALA A 328 20.01 -1.11 -11.06
N ALA A 329 21.01 -1.36 -11.89
CA ALA A 329 22.27 -0.68 -11.78
C ALA A 329 22.06 0.83 -11.87
N PRO A 330 22.76 1.59 -11.01
CA PRO A 330 23.85 1.12 -10.20
C PRO A 330 23.45 0.66 -8.76
N LEU A 331 22.14 0.55 -8.49
CA LEU A 331 21.68 0.00 -7.21
C LEU A 331 21.94 -1.54 -7.15
N PRO A 332 22.13 -2.08 -5.93
CA PRO A 332 22.31 -3.56 -5.76
C PRO A 332 21.05 -4.32 -6.18
N PRO A 333 21.21 -5.31 -7.07
CA PRO A 333 20.01 -6.08 -7.41
C PRO A 333 19.27 -6.58 -6.17
N ALA A 334 20.00 -6.90 -5.10
CA ALA A 334 19.37 -7.49 -3.92
C ALA A 334 18.17 -6.66 -3.44
N VAL A 335 18.23 -5.35 -3.57
CA VAL A 335 17.16 -4.49 -3.07
C VAL A 335 15.84 -4.84 -3.74
N PHE A 336 15.90 -5.13 -5.03
CA PHE A 336 14.71 -5.47 -5.79
C PHE A 336 14.41 -6.97 -5.68
N LEU A 337 15.47 -7.78 -5.63
CA LEU A 337 15.31 -9.22 -5.57
C LEU A 337 14.63 -9.61 -4.26
N GLY A 338 14.96 -8.91 -3.18
CA GLY A 338 14.33 -9.18 -1.90
C GLY A 338 12.82 -9.07 -1.99
N LEU A 339 12.34 -7.98 -2.58
CA LEU A 339 10.89 -7.77 -2.76
C LEU A 339 10.28 -8.83 -3.62
N ALA A 340 10.97 -9.17 -4.70
CA ALA A 340 10.45 -10.14 -5.67
C ALA A 340 10.26 -11.49 -5.02
N ARG A 341 11.23 -11.91 -4.22
CA ARG A 341 11.15 -13.19 -3.57
C ARG A 341 9.92 -13.24 -2.70
N LYS A 342 9.66 -12.15 -1.98
CA LYS A 342 8.45 -12.08 -1.12
C LYS A 342 7.14 -12.14 -1.96
N ILE A 343 7.10 -11.41 -3.06
CA ILE A 343 5.88 -11.33 -3.88
C ILE A 343 5.58 -12.70 -4.49
N TYR A 344 6.62 -13.44 -4.87
CA TYR A 344 6.44 -14.64 -5.64
C TYR A 344 6.54 -15.91 -4.72
N LYS A 345 5.44 -16.19 -4.01
CA LYS A 345 5.41 -17.26 -2.95
C LYS A 345 6.75 -17.46 -2.27
NAY 3F2 B . 0.32 -7.06 2.27
CAU 3F2 B . 0.02 -5.64 2.44
CAS 3F2 B . -1.38 -5.45 1.95
NAW 3F2 B . -1.68 -6.71 1.27
CBE 3F2 B . -0.70 -7.61 1.52
CBK 3F2 B . -0.68 -8.81 0.92
CAQ 3F2 B . 0.25 -9.74 1.29
CAG 3F2 B . -1.54 -9.12 -0.14
CAC 3F2 B . -1.46 -10.38 -0.77
CAE 3F2 B . -0.52 -11.31 -0.36
CBG 3F2 B . 0.33 -10.98 0.69
NBA 3F2 B . 1.24 -11.74 1.12
CBC 3F2 B . 1.07 -12.19 2.36
OAA 3F2 B . 0.02 -12.02 2.99
CBI 3F2 B . 2.24 -12.27 2.98
CAJ 3F2 B . 3.30 -12.99 2.46
CAN 3F2 B . 4.55 -12.88 3.06
CAI 3F2 B . 2.46 -11.33 3.95
CAM 3F2 B . 3.69 -11.21 4.54
CBM 3F2 B . 4.69 -12.07 4.20
CBN 3F2 B . 5.89 -11.72 4.57
CAP 3F2 B . 6.36 -10.80 3.69
CAL 3F2 B . 7.50 -10.18 3.89
CAO 3F2 B . 6.55 -11.96 5.78
CAK 3F2 B . 7.80 -11.32 5.99
CBJ 3F2 B . 8.26 -10.44 4.97
CBD 3F2 B . 9.36 -9.66 4.99
OAB 3F2 B . 9.79 -9.19 6.04
NBB 3F2 B . 9.54 -9.13 3.76
CBH 3F2 B . 10.25 -8.03 3.60
CAR 3F2 B . 11.21 -7.92 2.54
CAF 3F2 B . 9.87 -6.90 4.31
CAD 3F2 B . 10.53 -5.71 4.10
CAH 3F2 B . 11.51 -5.60 3.13
CBL 3F2 B . 11.87 -6.69 2.34
CBF 3F2 B . 12.83 -6.52 1.38
NAX 3F2 B . 13.18 -5.28 0.94
CAT 3F2 B . 14.24 -5.38 -0.01
CAV 3F2 B . 14.81 -6.68 0.34
NAZ 3F2 B . 13.61 -7.44 0.77
P PO4 C . -1.87 -4.25 6.08
O1 PO4 C . -0.63 -5.02 6.48
O2 PO4 C . -3.03 -4.55 7.02
O3 PO4 C . -1.54 -2.78 6.20
O4 PO4 C . -2.25 -4.58 4.65
#